data_6ZQ7
#
_entry.id   6ZQ7
#
_cell.length_a   88.600
_cell.length_b   89.437
_cell.length_c   131.285
_cell.angle_alpha   90.000
_cell.angle_beta   90.000
_cell.angle_gamma   90.000
#
_symmetry.space_group_name_H-M   'I 2 2 2'
#
loop_
_entity.id
_entity.type
_entity.pdbx_description
1 polymer 'Glycerol kinase-like protein'
2 non-polymer GLYCEROL
3 non-polymer 1,2-ETHANEDIOL
4 water water
#
_entity_poly.entity_id   1
_entity_poly.type   'polypeptide(L)'
_entity_poly.pdbx_seq_one_letter_code
;GSFVGSIDQGTTSSRFLIFNGEGNPVASHQIEFENLYPKSGWHEQDPYELLNSVQQCIDGAMHKFASLGYSKENIRAIGI
TNQRETTVVWDSVTGEPLHNAIVWPDTRTSALVRELKARQSADSLLELCGLPLSTYPSSVKLLWLIQNVDAVKQAYEEGR
LAFGTVDSWLIYKLNGGAQAERPIHVTDSTNASRTMFMNLRTLQYDDKLLGFFGIDRNKIKLPKIVPSSDPEAFGKVATG
ALAGVPIAGCLGDQSSALVGQCGFSPGQAKNTYGTGCFLLYNVGTEPVISKYGLLATVAYDFGRGRKPVYALEGSIAVAG
AGITFLMNNLGFAPKPSEINALAESVLDNGGVVFVTAFSGLFAPYWIDDAKGTLFGITQHTTKGHIARATLEATCYQTRA
ILDAMEKDSGHKLESLAVDGGLSASDLCMQTQADISGIPVDRPRMRETTALGAAIAAGLATGVWRELDHVKESIAGGANG
NGKKNAREVFYPKMDRKKAERLFRKWEQAVEMSRGWVREQEEEDGE
;
_entity_poly.pdbx_strand_id   A
#
loop_
_chem_comp.id
_chem_comp.type
_chem_comp.name
_chem_comp.formula
EDO non-polymer 1,2-ETHANEDIOL 'C2 H6 O2'
GOL non-polymer GLYCEROL 'C3 H8 O3'
#
# COMPACT_ATOMS: atom_id res chain seq x y z
N GLY A 1 -19.08 -17.93 15.97
CA GLY A 1 -18.16 -17.57 14.91
C GLY A 1 -16.85 -17.01 15.43
N SER A 2 -15.79 -17.82 15.34
CA SER A 2 -14.51 -17.54 16.00
C SER A 2 -13.37 -17.18 15.06
N PHE A 3 -13.47 -17.53 13.78
CA PHE A 3 -12.38 -17.26 12.85
C PHE A 3 -12.76 -16.08 11.95
N VAL A 4 -11.72 -15.44 11.40
CA VAL A 4 -11.89 -14.27 10.55
C VAL A 4 -11.12 -14.49 9.27
N GLY A 5 -11.80 -14.34 8.13
CA GLY A 5 -11.16 -14.51 6.84
C GLY A 5 -10.63 -13.19 6.32
N SER A 6 -9.64 -13.27 5.43
CA SER A 6 -9.10 -12.09 4.79
C SER A 6 -8.74 -12.40 3.36
N ILE A 7 -9.29 -11.62 2.44
CA ILE A 7 -8.86 -11.63 1.05
C ILE A 7 -7.76 -10.62 0.90
N ASP A 8 -6.65 -11.04 0.30
CA ASP A 8 -5.54 -10.14 -0.01
C ASP A 8 -5.33 -10.23 -1.52
N GLN A 9 -5.92 -9.30 -2.25
CA GLN A 9 -5.83 -9.26 -3.70
C GLN A 9 -4.71 -8.28 -4.08
N GLY A 10 -3.51 -8.80 -4.34
CA GLY A 10 -2.35 -7.98 -4.59
C GLY A 10 -2.10 -7.72 -6.07
N THR A 11 -0.93 -7.15 -6.34
CA THR A 11 -0.57 -6.71 -7.69
C THR A 11 -0.16 -7.89 -8.57
N THR A 12 0.51 -8.88 -7.99
CA THR A 12 0.94 -10.07 -8.71
C THR A 12 0.24 -11.34 -8.24
N SER A 13 -0.41 -11.31 -7.09
CA SER A 13 -0.95 -12.52 -6.49
C SER A 13 -2.23 -12.21 -5.72
N SER A 14 -3.03 -13.24 -5.51
CA SER A 14 -4.11 -13.18 -4.55
C SER A 14 -3.88 -14.25 -3.50
N ARG A 15 -4.36 -13.98 -2.29
CA ARG A 15 -4.34 -14.99 -1.25
C ARG A 15 -5.58 -14.83 -0.39
N PHE A 16 -5.94 -15.90 0.29
CA PHE A 16 -7.03 -15.86 1.24
C PHE A 16 -6.54 -16.53 2.52
N LEU A 17 -6.74 -15.86 3.64
CA LEU A 17 -6.22 -16.32 4.91
C LEU A 17 -7.34 -16.42 5.93
N ILE A 18 -7.26 -17.44 6.78
CA ILE A 18 -8.15 -17.64 7.92
C ILE A 18 -7.29 -17.51 9.17
N PHE A 19 -7.53 -16.45 9.94
CA PHE A 19 -6.89 -16.25 11.23
C PHE A 19 -7.81 -16.72 12.36
N ASN A 20 -7.19 -17.14 13.47
CA ASN A 20 -7.92 -17.36 14.71
C ASN A 20 -7.94 -16.08 15.54
N GLY A 21 -8.49 -16.18 16.75
CA GLY A 21 -8.64 -14.99 17.60
C GLY A 21 -7.31 -14.36 17.99
N GLU A 22 -6.24 -15.15 18.05
CA GLU A 22 -4.91 -14.63 18.35
C GLU A 22 -4.22 -14.03 17.13
N GLY A 23 -4.87 -14.00 15.97
CA GLY A 23 -4.26 -13.43 14.78
C GLY A 23 -3.24 -14.29 14.08
N ASN A 24 -3.26 -15.60 14.31
CA ASN A 24 -2.37 -16.48 13.57
C ASN A 24 -3.13 -17.18 12.46
N PRO A 25 -2.53 -17.24 11.26
CA PRO A 25 -3.19 -17.88 10.13
C PRO A 25 -3.22 -19.39 10.30
N VAL A 26 -4.38 -19.99 10.05
CA VAL A 26 -4.54 -21.44 10.20
C VAL A 26 -4.61 -22.14 8.85
N ALA A 27 -5.33 -21.57 7.89
CA ALA A 27 -5.29 -22.05 6.51
C ALA A 27 -5.07 -20.83 5.62
N SER A 28 -4.60 -21.12 4.41
CA SER A 28 -4.20 -20.07 3.47
C SER A 28 -4.07 -20.68 2.09
N HIS A 29 -3.99 -19.82 1.09
CA HIS A 29 -3.87 -20.24 -0.30
C HIS A 29 -3.51 -19.02 -1.13
N GLN A 30 -2.64 -19.22 -2.13
CA GLN A 30 -2.09 -18.11 -2.88
C GLN A 30 -1.96 -18.48 -4.35
N ILE A 31 -2.28 -17.53 -5.23
CA ILE A 31 -2.29 -17.74 -6.68
C ILE A 31 -1.52 -16.58 -7.31
N GLU A 32 -0.42 -16.88 -8.00
CA GLU A 32 0.16 -15.89 -8.91
C GLU A 32 -0.66 -15.89 -10.19
N PHE A 33 -1.20 -14.74 -10.58
CA PHE A 33 -2.10 -14.67 -11.71
C PHE A 33 -1.45 -13.91 -12.88
N GLU A 34 -2.20 -13.83 -13.99
CA GLU A 34 -1.69 -13.31 -15.25
C GLU A 34 -1.75 -11.78 -15.25
N ASN A 35 -0.63 -11.16 -15.60
CA ASN A 35 -0.52 -9.71 -15.76
C ASN A 35 -0.18 -9.37 -17.21
N LEU A 36 -0.99 -8.53 -17.83
CA LEU A 36 -0.86 -8.24 -19.25
C LEU A 36 -0.26 -6.85 -19.45
N TYR A 37 0.71 -6.77 -20.36
CA TYR A 37 1.40 -5.53 -20.72
C TYR A 37 1.30 -5.36 -22.22
N PRO A 38 0.25 -4.72 -22.71
CA PRO A 38 0.04 -4.64 -24.17
C PRO A 38 1.27 -4.11 -24.88
N LYS A 39 1.57 -2.85 -24.64
CA LYS A 39 2.81 -2.25 -25.08
C LYS A 39 3.55 -1.69 -23.87
N SER A 40 4.87 -1.52 -24.05
CA SER A 40 5.74 -1.02 -23.00
C SER A 40 5.10 0.10 -22.18
N GLY A 41 5.24 0.02 -20.87
CA GLY A 41 4.65 0.98 -19.98
C GLY A 41 3.17 0.79 -19.72
N TRP A 42 2.52 -0.12 -20.43
CA TRP A 42 1.11 -0.39 -20.21
C TRP A 42 0.97 -1.64 -19.34
N HIS A 43 0.02 -1.60 -18.41
CA HIS A 43 -0.11 -2.64 -17.40
C HIS A 43 -1.61 -2.91 -17.16
N GLU A 44 -2.09 -4.06 -17.64
CA GLU A 44 -3.49 -4.41 -17.64
C GLU A 44 -3.72 -5.75 -16.94
N GLN A 45 -4.94 -5.93 -16.41
CA GLN A 45 -5.33 -7.19 -15.82
C GLN A 45 -6.79 -7.45 -16.17
N ASP A 46 -7.08 -8.70 -16.53
CA ASP A 46 -8.47 -9.08 -16.76
C ASP A 46 -9.20 -9.05 -15.42
N PRO A 47 -10.31 -8.33 -15.30
CA PRO A 47 -11.00 -8.27 -14.00
C PRO A 47 -11.51 -9.61 -13.53
N TYR A 48 -11.83 -10.53 -14.44
CA TYR A 48 -12.26 -11.84 -13.99
C TYR A 48 -11.10 -12.71 -13.53
N GLU A 49 -9.87 -12.39 -13.95
CA GLU A 49 -8.75 -13.14 -13.39
C GLU A 49 -8.48 -12.74 -11.94
N LEU A 50 -8.76 -11.49 -11.57
CA LEU A 50 -8.59 -11.09 -10.19
C LEU A 50 -9.69 -11.69 -9.31
N LEU A 51 -10.94 -11.64 -9.79
CA LEU A 51 -12.01 -12.22 -9.00
C LEU A 51 -11.84 -13.73 -8.89
N ASN A 52 -11.52 -14.42 -10.00
CA ASN A 52 -11.38 -15.88 -9.92
C ASN A 52 -10.17 -16.30 -9.10
N SER A 53 -9.07 -15.55 -9.17
CA SER A 53 -7.92 -15.96 -8.35
C SER A 53 -8.26 -15.88 -6.87
N VAL A 54 -8.99 -14.83 -6.45
CA VAL A 54 -9.50 -14.72 -5.08
C VAL A 54 -10.44 -15.89 -4.75
N GLN A 55 -11.48 -16.08 -5.57
CA GLN A 55 -12.42 -17.17 -5.30
C GLN A 55 -11.73 -18.51 -5.28
N GLN A 56 -10.71 -18.71 -6.13
CA GLN A 56 -10.01 -20.00 -6.05
C GLN A 56 -9.16 -20.06 -4.79
N CYS A 57 -8.67 -18.91 -4.32
CA CYS A 57 -7.93 -18.92 -3.07
C CYS A 57 -8.85 -19.28 -1.91
N ILE A 58 -10.09 -18.80 -1.93
CA ILE A 58 -11.07 -19.19 -0.93
C ILE A 58 -11.32 -20.69 -0.99
N ASP A 59 -11.56 -21.21 -2.20
CA ASP A 59 -11.84 -22.64 -2.36
C ASP A 59 -10.73 -23.50 -1.79
N GLY A 60 -9.48 -23.17 -2.12
CA GLY A 60 -8.36 -24.00 -1.69
C GLY A 60 -8.12 -23.92 -0.20
N ALA A 61 -8.16 -22.70 0.35
CA ALA A 61 -7.97 -22.54 1.79
C ALA A 61 -9.07 -23.24 2.57
N MET A 62 -10.32 -23.11 2.13
CA MET A 62 -11.42 -23.81 2.78
C MET A 62 -11.26 -25.33 2.69
N HIS A 63 -10.69 -25.85 1.58
CA HIS A 63 -10.26 -27.25 1.55
C HIS A 63 -9.40 -27.56 2.77
N LYS A 64 -8.29 -26.84 2.92
CA LYS A 64 -7.42 -27.08 4.06
C LYS A 64 -8.12 -26.80 5.39
N PHE A 65 -8.86 -25.70 5.47
CA PHE A 65 -9.62 -25.40 6.68
C PHE A 65 -10.51 -26.58 7.08
N ALA A 66 -11.19 -27.17 6.10
CA ALA A 66 -12.03 -28.33 6.38
C ALA A 66 -11.20 -29.46 6.97
N SER A 67 -9.97 -29.62 6.49
CA SER A 67 -9.15 -30.77 6.89
C SER A 67 -8.89 -30.78 8.38
N LEU A 68 -8.92 -29.62 9.03
CA LEU A 68 -8.82 -29.54 10.47
C LEU A 68 -10.18 -29.58 11.17
N GLY A 69 -11.21 -30.08 10.49
CA GLY A 69 -12.52 -30.21 11.12
C GLY A 69 -13.23 -28.91 11.43
N TYR A 70 -13.02 -27.86 10.63
CA TYR A 70 -13.74 -26.61 10.77
C TYR A 70 -14.51 -26.33 9.50
N SER A 71 -15.58 -25.55 9.61
CA SER A 71 -16.47 -25.33 8.49
C SER A 71 -16.71 -23.84 8.28
N LYS A 72 -17.49 -23.53 7.23
CA LYS A 72 -18.01 -22.17 7.05
C LYS A 72 -18.51 -21.55 8.34
N GLU A 73 -19.12 -22.35 9.23
CA GLU A 73 -19.69 -21.86 10.47
C GLU A 73 -18.65 -21.18 11.37
N ASN A 74 -17.39 -21.62 11.31
CA ASN A 74 -16.39 -21.13 12.26
C ASN A 74 -15.91 -19.72 11.92
N ILE A 75 -16.20 -19.24 10.71
CA ILE A 75 -15.70 -17.95 10.24
C ILE A 75 -16.82 -16.94 10.41
N ARG A 76 -16.63 -15.97 11.31
CA ARG A 76 -17.67 -14.98 11.57
C ARG A 76 -17.78 -13.93 10.45
N ALA A 77 -16.66 -13.53 9.85
CA ALA A 77 -16.67 -12.48 8.82
C ALA A 77 -15.37 -12.54 8.01
N ILE A 78 -15.33 -11.76 6.94
CA ILE A 78 -14.07 -11.63 6.19
C ILE A 78 -13.83 -10.18 5.83
N GLY A 79 -12.56 -9.82 5.72
CA GLY A 79 -12.15 -8.53 5.19
C GLY A 79 -11.45 -8.67 3.87
N ILE A 80 -11.59 -7.63 3.03
CA ILE A 80 -10.88 -7.50 1.76
C ILE A 80 -9.72 -6.56 1.97
N THR A 81 -8.59 -6.86 1.34
CA THR A 81 -7.62 -5.81 1.08
C THR A 81 -7.07 -6.00 -0.33
N ASN A 82 -6.60 -4.91 -0.93
CA ASN A 82 -6.35 -4.92 -2.37
C ASN A 82 -5.29 -3.90 -2.72
N GLN A 83 -4.54 -4.19 -3.77
CA GLN A 83 -3.77 -3.17 -4.49
C GLN A 83 -4.66 -1.96 -4.77
N ARG A 84 -4.10 -0.77 -4.60
CA ARG A 84 -4.87 0.46 -4.73
C ARG A 84 -4.75 1.06 -6.13
N GLU A 85 -5.70 1.95 -6.42
CA GLU A 85 -5.74 2.83 -7.59
C GLU A 85 -6.07 2.07 -8.88
N THR A 86 -5.70 0.79 -8.95
CA THR A 86 -6.09 -0.02 -10.09
C THR A 86 -7.58 0.10 -10.37
N THR A 87 -7.93 0.26 -11.65
CA THR A 87 -9.20 0.86 -12.06
C THR A 87 -10.03 -0.13 -12.85
N VAL A 88 -11.25 -0.37 -12.38
CA VAL A 88 -12.18 -1.34 -12.97
C VAL A 88 -13.43 -0.61 -13.48
N VAL A 89 -13.83 -0.92 -14.71
CA VAL A 89 -15.04 -0.38 -15.33
C VAL A 89 -15.97 -1.53 -15.68
N TRP A 90 -17.21 -1.46 -15.21
CA TRP A 90 -18.17 -2.49 -15.57
C TRP A 90 -19.53 -1.88 -15.85
N ASP A 91 -20.32 -2.62 -16.61
CA ASP A 91 -21.70 -2.29 -16.91
C ASP A 91 -22.49 -2.27 -15.61
N SER A 92 -23.01 -1.10 -15.22
CA SER A 92 -23.72 -1.02 -13.95
C SER A 92 -24.97 -1.87 -13.91
N VAL A 93 -25.46 -2.33 -15.06
CA VAL A 93 -26.69 -3.10 -15.10
C VAL A 93 -26.47 -4.60 -15.32
N THR A 94 -25.45 -5.00 -16.08
CA THR A 94 -25.18 -6.41 -16.31
C THR A 94 -24.13 -7.01 -15.40
N GLY A 95 -23.25 -6.20 -14.81
CA GLY A 95 -22.11 -6.70 -14.07
C GLY A 95 -20.91 -7.10 -14.91
N GLU A 96 -21.02 -7.10 -16.24
CA GLU A 96 -19.93 -7.51 -17.13
C GLU A 96 -18.86 -6.41 -17.19
N PRO A 97 -17.58 -6.79 -17.22
CA PRO A 97 -16.52 -5.78 -17.35
C PRO A 97 -16.52 -5.20 -18.76
N LEU A 98 -16.38 -3.88 -18.86
CA LEU A 98 -16.44 -3.21 -20.14
C LEU A 98 -15.07 -3.00 -20.79
N HIS A 99 -14.00 -3.45 -20.14
CA HIS A 99 -12.62 -3.33 -20.62
C HIS A 99 -11.72 -3.89 -19.53
N ASN A 100 -10.46 -4.09 -19.86
CA ASN A 100 -9.53 -4.61 -18.86
C ASN A 100 -9.33 -3.60 -17.74
N ALA A 101 -8.81 -4.09 -16.62
CA ALA A 101 -8.49 -3.24 -15.49
C ALA A 101 -7.10 -2.64 -15.70
N ILE A 102 -6.97 -1.34 -15.44
CA ILE A 102 -5.70 -0.64 -15.63
C ILE A 102 -5.03 -0.56 -14.27
N VAL A 103 -3.91 -1.25 -14.14
CA VAL A 103 -3.22 -1.37 -12.87
C VAL A 103 -2.48 -0.08 -12.55
N TRP A 104 -2.26 0.15 -11.27
CA TRP A 104 -1.67 1.41 -10.82
C TRP A 104 -0.35 1.80 -11.50
N PRO A 105 0.63 0.91 -11.74
CA PRO A 105 1.89 1.37 -12.33
C PRO A 105 1.81 1.68 -13.82
N ASP A 106 0.60 1.70 -14.39
CA ASP A 106 0.44 1.94 -15.81
C ASP A 106 0.72 3.40 -16.11
N THR A 107 1.42 3.65 -17.21
CA THR A 107 1.80 5.01 -17.55
C THR A 107 1.20 5.52 -18.86
N ARG A 108 0.30 4.73 -19.48
CA ARG A 108 -0.32 5.15 -20.74
C ARG A 108 -0.93 6.53 -20.64
N THR A 109 -1.29 6.94 -19.43
CA THR A 109 -1.88 8.23 -19.20
C THR A 109 -0.83 9.33 -19.11
N SER A 110 0.44 9.04 -19.39
CA SER A 110 1.48 10.06 -19.25
C SER A 110 1.20 11.25 -20.17
N ALA A 111 0.91 10.99 -21.45
CA ALA A 111 0.61 12.08 -22.36
C ALA A 111 -0.48 12.97 -21.81
N LEU A 112 -1.46 12.38 -21.12
CA LEU A 112 -2.61 13.16 -20.69
C LEU A 112 -2.29 14.02 -19.48
N VAL A 113 -1.68 13.42 -18.43
CA VAL A 113 -1.41 14.15 -17.19
C VAL A 113 -0.77 15.51 -17.47
N ARG A 114 -0.05 15.63 -18.59
CA ARG A 114 0.43 16.94 -19.01
C ARG A 114 -0.73 17.90 -19.19
N GLU A 115 -1.66 17.55 -20.08
CA GLU A 115 -2.83 18.40 -20.33
C GLU A 115 -3.50 18.84 -19.04
N LEU A 116 -3.73 17.92 -18.11
CA LEU A 116 -4.54 18.29 -16.96
C LEU A 116 -3.75 19.08 -15.93
N LYS A 117 -2.49 18.74 -15.70
CA LYS A 117 -1.67 19.66 -14.92
C LYS A 117 -1.49 20.98 -15.67
N ALA A 118 -1.56 20.94 -17.00
CA ALA A 118 -1.51 22.19 -17.78
C ALA A 118 -2.70 23.09 -17.51
N ARG A 119 -3.85 22.53 -17.14
CA ARG A 119 -4.99 23.34 -16.75
CA ARG A 119 -5.00 23.34 -16.75
C ARG A 119 -4.71 23.98 -15.40
N GLN A 120 -4.62 25.32 -15.37
CA GLN A 120 -4.18 26.04 -14.17
C GLN A 120 -4.99 25.68 -12.94
N SER A 121 -6.25 25.29 -13.12
CA SER A 121 -7.12 24.89 -12.02
C SER A 121 -6.51 23.82 -11.12
N ALA A 122 -5.45 23.15 -11.56
CA ALA A 122 -5.08 21.85 -11.05
C ALA A 122 -4.18 21.86 -9.81
N ASP A 123 -3.92 22.98 -9.12
CA ASP A 123 -3.05 22.88 -7.95
C ASP A 123 -3.63 23.42 -6.65
N SER A 124 -4.94 23.53 -6.55
CA SER A 124 -5.57 23.39 -5.24
C SER A 124 -6.29 22.05 -5.16
N LEU A 125 -6.10 21.19 -6.17
CA LEU A 125 -6.43 19.78 -6.06
C LEU A 125 -5.69 19.12 -4.90
N LEU A 126 -4.40 19.44 -4.74
CA LEU A 126 -3.60 18.76 -3.73
C LEU A 126 -4.18 18.91 -2.33
N GLU A 127 -4.62 20.11 -1.95
CA GLU A 127 -5.20 20.21 -0.61
C GLU A 127 -6.67 19.81 -0.58
N LEU A 128 -7.25 19.46 -1.72
CA LEU A 128 -8.62 18.96 -1.75
C LEU A 128 -8.70 17.44 -1.51
N CYS A 129 -7.84 16.66 -2.18
CA CYS A 129 -7.85 15.19 -2.09
C CYS A 129 -6.63 14.60 -1.41
N GLY A 130 -5.52 15.32 -1.37
CA GLY A 130 -4.30 14.89 -0.69
C GLY A 130 -3.21 14.45 -1.62
N LEU A 131 -3.47 14.41 -2.92
CA LEU A 131 -2.65 13.67 -3.86
C LEU A 131 -2.10 14.59 -4.93
N PRO A 132 -0.78 14.63 -5.11
CA PRO A 132 -0.24 15.15 -6.37
C PRO A 132 -0.86 14.42 -7.54
N LEU A 133 -1.06 15.15 -8.62
CA LEU A 133 -1.56 14.53 -9.83
C LEU A 133 -0.46 13.68 -10.47
N SER A 134 -0.69 12.37 -10.55
CA SER A 134 0.27 11.41 -11.08
C SER A 134 -0.32 10.70 -12.29
N THR A 135 0.45 9.77 -12.83
CA THR A 135 -0.18 8.75 -13.65
C THR A 135 -0.87 7.69 -12.79
N TYR A 136 -0.80 7.82 -11.46
CA TYR A 136 -1.15 6.76 -10.53
C TYR A 136 -2.63 6.70 -10.17
N PRO A 137 -3.25 7.79 -9.67
CA PRO A 137 -4.62 7.68 -9.16
C PRO A 137 -5.61 7.26 -10.22
N SER A 138 -6.69 6.62 -9.79
CA SER A 138 -7.64 6.04 -10.74
C SER A 138 -8.42 7.10 -11.51
N SER A 139 -8.47 8.34 -11.03
CA SER A 139 -9.13 9.40 -11.78
C SER A 139 -8.54 9.57 -13.17
N VAL A 140 -7.22 9.78 -13.24
CA VAL A 140 -6.53 9.91 -14.52
C VAL A 140 -6.73 8.66 -15.38
N LYS A 141 -6.73 7.48 -14.75
CA LYS A 141 -6.87 6.25 -15.51
C LYS A 141 -8.28 6.11 -16.06
N LEU A 142 -9.30 6.40 -15.25
CA LEU A 142 -10.67 6.34 -15.71
C LEU A 142 -10.88 7.27 -16.90
N LEU A 143 -10.31 8.47 -16.82
CA LEU A 143 -10.48 9.46 -17.89
C LEU A 143 -9.93 8.93 -19.20
N TRP A 144 -8.72 8.40 -19.18
CA TRP A 144 -8.15 7.84 -20.38
C TRP A 144 -9.09 6.81 -21.00
N LEU A 145 -9.71 5.97 -20.16
CA LEU A 145 -10.69 5.00 -20.66
C LEU A 145 -11.83 5.70 -21.39
N ILE A 146 -12.50 6.63 -20.71
CA ILE A 146 -13.68 7.29 -21.28
C ILE A 146 -13.34 8.16 -22.48
N GLN A 147 -12.07 8.12 -22.95
CA GLN A 147 -11.68 8.87 -24.15
C GLN A 147 -10.81 8.08 -25.11
N ASN A 148 -10.75 6.75 -24.99
CA ASN A 148 -9.89 6.01 -25.92
C ASN A 148 -10.46 4.64 -26.25
N VAL A 149 -11.36 4.15 -25.40
CA VAL A 149 -12.14 2.95 -25.67
C VAL A 149 -13.60 3.35 -25.93
N ASP A 150 -14.19 2.75 -26.97
CA ASP A 150 -15.54 3.14 -27.38
C ASP A 150 -16.60 2.57 -26.43
N ALA A 151 -16.41 1.32 -26.00
CA ALA A 151 -17.37 0.71 -25.08
C ALA A 151 -17.49 1.52 -23.78
N VAL A 152 -16.41 2.17 -23.38
CA VAL A 152 -16.49 2.99 -22.18
C VAL A 152 -17.14 4.34 -22.48
N LYS A 153 -16.76 4.96 -23.60
CA LYS A 153 -17.46 6.14 -24.09
C LYS A 153 -18.97 5.91 -24.08
N GLN A 154 -19.39 4.85 -24.75
CA GLN A 154 -20.80 4.53 -24.96
C GLN A 154 -21.51 4.28 -23.63
N ALA A 155 -21.07 3.25 -22.92
CA ALA A 155 -21.65 2.90 -21.62
C ALA A 155 -21.73 4.10 -20.68
N TYR A 156 -20.74 4.99 -20.75
CA TYR A 156 -20.73 6.14 -19.86
C TYR A 156 -21.94 7.03 -20.08
N GLU A 157 -22.08 7.54 -21.30
CA GLU A 157 -23.14 8.49 -21.58
C GLU A 157 -24.50 7.84 -21.81
N GLU A 158 -24.57 6.50 -21.79
CA GLU A 158 -25.85 5.79 -21.72
C GLU A 158 -26.34 5.62 -20.29
N GLY A 159 -25.70 6.27 -19.32
CA GLY A 159 -26.03 6.07 -17.93
C GLY A 159 -25.77 4.67 -17.42
N ARG A 160 -24.89 3.94 -18.09
CA ARG A 160 -24.75 2.50 -17.93
C ARG A 160 -23.44 2.06 -17.28
N LEU A 161 -22.42 2.91 -17.22
CA LEU A 161 -21.08 2.45 -16.85
C LEU A 161 -20.82 2.69 -15.36
N ALA A 162 -20.37 1.64 -14.68
CA ALA A 162 -19.99 1.68 -13.28
C ALA A 162 -18.47 1.59 -13.13
N PHE A 163 -17.96 2.19 -12.05
CA PHE A 163 -16.53 2.25 -11.80
C PHE A 163 -16.25 1.83 -10.36
N GLY A 164 -15.04 1.35 -10.14
CA GLY A 164 -14.57 1.13 -8.79
C GLY A 164 -13.12 0.67 -8.76
N THR A 165 -12.42 1.00 -7.69
CA THR A 165 -11.15 0.33 -7.43
C THR A 165 -11.43 -1.14 -7.13
N VAL A 166 -10.34 -1.92 -7.06
CA VAL A 166 -10.46 -3.39 -7.02
C VAL A 166 -11.28 -3.84 -5.82
N ASP A 167 -11.15 -3.14 -4.69
CA ASP A 167 -11.99 -3.46 -3.53
C ASP A 167 -13.46 -3.53 -3.91
N SER A 168 -13.96 -2.48 -4.58
CA SER A 168 -15.40 -2.40 -4.81
C SER A 168 -15.83 -3.41 -5.85
N TRP A 169 -15.02 -3.57 -6.90
CA TRP A 169 -15.23 -4.67 -7.83
C TRP A 169 -15.41 -5.99 -7.08
N LEU A 170 -14.41 -6.36 -6.26
CA LEU A 170 -14.47 -7.62 -5.52
C LEU A 170 -15.73 -7.73 -4.68
N ILE A 171 -16.05 -6.70 -3.89
CA ILE A 171 -17.23 -6.74 -3.04
C ILE A 171 -18.50 -6.89 -3.87
N TYR A 172 -18.59 -6.16 -4.98
CA TYR A 172 -19.78 -6.24 -5.82
C TYR A 172 -19.99 -7.66 -6.35
N LYS A 173 -18.93 -8.26 -6.88
CA LYS A 173 -19.08 -9.58 -7.48
C LYS A 173 -19.32 -10.64 -6.41
N LEU A 174 -18.66 -10.49 -5.25
CA LEU A 174 -18.81 -11.52 -4.22
C LEU A 174 -20.21 -11.54 -3.64
N ASN A 175 -20.85 -10.37 -3.57
CA ASN A 175 -22.23 -10.30 -3.13
C ASN A 175 -23.20 -10.83 -4.17
N GLY A 176 -22.73 -11.27 -5.33
CA GLY A 176 -23.58 -11.73 -6.41
C GLY A 176 -23.70 -10.79 -7.59
N GLY A 177 -23.03 -9.65 -7.57
CA GLY A 177 -23.16 -8.70 -8.67
C GLY A 177 -24.56 -8.10 -8.79
N ALA A 178 -25.04 -7.98 -10.03
CA ALA A 178 -26.36 -7.40 -10.26
C ALA A 178 -27.48 -8.34 -9.83
N GLN A 179 -27.20 -9.63 -9.73
CA GLN A 179 -28.24 -10.59 -9.38
C GLN A 179 -28.56 -10.60 -7.90
N ALA A 180 -27.71 -9.98 -7.07
CA ALA A 180 -27.97 -9.92 -5.65
C ALA A 180 -29.32 -9.28 -5.34
N GLU A 181 -29.89 -9.71 -4.21
CA GLU A 181 -31.09 -9.10 -3.67
C GLU A 181 -30.81 -7.69 -3.16
N ARG A 182 -29.60 -7.45 -2.67
CA ARG A 182 -29.10 -6.12 -2.33
C ARG A 182 -27.76 -5.94 -3.03
N PRO A 183 -27.75 -5.39 -4.24
CA PRO A 183 -26.46 -5.10 -4.91
C PRO A 183 -25.61 -4.16 -4.09
N ILE A 184 -24.36 -4.56 -3.87
CA ILE A 184 -23.40 -3.78 -3.08
C ILE A 184 -22.40 -3.18 -4.04
N HIS A 185 -22.41 -1.87 -4.18
CA HIS A 185 -21.43 -1.14 -4.98
C HIS A 185 -20.88 -0.07 -4.05
N VAL A 186 -19.94 -0.47 -3.18
CA VAL A 186 -19.41 0.39 -2.14
C VAL A 186 -17.90 0.44 -2.24
N THR A 187 -17.29 1.42 -1.58
CA THR A 187 -15.84 1.54 -1.40
C THR A 187 -15.60 2.03 0.02
N ASP A 188 -14.45 1.68 0.59
CA ASP A 188 -14.08 2.24 1.87
C ASP A 188 -13.28 3.52 1.68
N SER A 189 -13.16 4.28 2.78
CA SER A 189 -12.55 5.61 2.75
C SER A 189 -11.10 5.57 2.28
N THR A 190 -10.31 4.59 2.74
CA THR A 190 -8.91 4.54 2.31
C THR A 190 -8.82 4.33 0.81
N ASN A 191 -9.55 3.34 0.28
CA ASN A 191 -9.55 3.16 -1.17
C ASN A 191 -10.05 4.42 -1.86
N ALA A 192 -11.16 5.00 -1.35
CA ALA A 192 -11.74 6.22 -1.91
C ALA A 192 -10.73 7.37 -1.99
N SER A 193 -9.84 7.50 -1.01
CA SER A 193 -8.88 8.61 -1.00
C SER A 193 -7.80 8.48 -2.07
N ARG A 194 -7.69 7.35 -2.75
CA ARG A 194 -6.66 7.14 -3.76
C ARG A 194 -7.15 7.48 -5.16
N THR A 195 -8.41 7.90 -5.30
CA THR A 195 -9.00 8.15 -6.59
C THR A 195 -8.73 9.55 -7.08
N MET A 196 -8.61 10.52 -6.18
CA MET A 196 -8.61 11.97 -6.42
C MET A 196 -10.01 12.51 -6.66
N PHE A 197 -11.05 11.68 -6.54
CA PHE A 197 -12.44 12.11 -6.64
C PHE A 197 -13.05 12.47 -5.29
N MET A 198 -12.41 12.11 -4.19
CA MET A 198 -12.96 12.29 -2.87
C MET A 198 -12.24 13.42 -2.16
N ASN A 199 -12.97 14.13 -1.32
CA ASN A 199 -12.42 15.19 -0.48
C ASN A 199 -11.88 14.58 0.80
N LEU A 200 -10.60 14.84 1.09
CA LEU A 200 -9.94 14.23 2.23
C LEU A 200 -10.61 14.62 3.55
N ARG A 201 -10.99 15.89 3.69
CA ARG A 201 -11.59 16.33 4.95
C ARG A 201 -13.04 15.87 5.08
N THR A 202 -13.76 15.69 3.97
CA THR A 202 -15.13 15.19 4.04
C THR A 202 -15.19 13.70 4.33
N LEU A 203 -14.35 12.91 3.64
CA LEU A 203 -14.61 11.50 3.29
C LEU A 203 -15.91 11.32 2.53
N GLN A 204 -16.18 12.24 1.61
CA GLN A 204 -17.16 11.99 0.57
C GLN A 204 -16.67 12.69 -0.69
N TYR A 205 -17.50 12.64 -1.72
CA TYR A 205 -17.13 13.17 -3.02
C TYR A 205 -17.15 14.70 -2.99
N ASP A 206 -16.26 15.28 -3.80
CA ASP A 206 -16.16 16.72 -3.98
C ASP A 206 -16.40 17.02 -5.45
N ASP A 207 -17.35 17.92 -5.74
CA ASP A 207 -17.72 18.16 -7.12
C ASP A 207 -16.74 19.04 -7.88
N LYS A 208 -15.86 19.76 -7.18
CA LYS A 208 -14.78 20.43 -7.91
C LYS A 208 -13.83 19.41 -8.51
N LEU A 209 -13.52 18.34 -7.78
CA LEU A 209 -12.63 17.30 -8.31
C LEU A 209 -13.31 16.52 -9.43
N LEU A 210 -14.54 16.07 -9.20
CA LEU A 210 -15.32 15.48 -10.28
C LEU A 210 -15.39 16.43 -11.47
N GLY A 211 -15.43 17.74 -11.22
CA GLY A 211 -15.56 18.69 -12.31
C GLY A 211 -14.32 18.75 -13.18
N PHE A 212 -13.14 18.88 -12.55
CA PHE A 212 -11.91 19.07 -13.31
C PHE A 212 -11.68 17.94 -14.31
N PHE A 213 -12.01 16.71 -13.92
CA PHE A 213 -11.92 15.60 -14.85
C PHE A 213 -13.14 15.52 -15.76
N GLY A 214 -14.17 16.31 -15.50
CA GLY A 214 -15.37 16.21 -16.30
C GLY A 214 -16.11 14.91 -16.06
N ILE A 215 -16.19 14.47 -14.80
CA ILE A 215 -16.88 13.24 -14.43
C ILE A 215 -18.24 13.62 -13.87
N ASP A 216 -19.30 13.18 -14.57
CA ASP A 216 -20.66 13.53 -14.21
C ASP A 216 -21.25 12.45 -13.29
N ARG A 217 -21.64 12.86 -12.08
CA ARG A 217 -22.15 11.95 -11.06
CA ARG A 217 -22.17 11.96 -11.06
C ARG A 217 -23.42 11.21 -11.49
N ASN A 218 -24.00 11.52 -12.64
CA ASN A 218 -25.27 10.93 -13.00
C ASN A 218 -25.25 10.10 -14.28
N LYS A 219 -24.14 10.04 -14.99
CA LYS A 219 -23.95 9.05 -16.05
C LYS A 219 -22.95 7.98 -15.68
N ILE A 220 -21.97 8.32 -14.84
CA ILE A 220 -21.11 7.35 -14.16
C ILE A 220 -21.77 6.94 -12.86
N LYS A 221 -21.68 5.66 -12.54
CA LYS A 221 -22.21 5.13 -11.29
C LYS A 221 -21.00 4.90 -10.37
N LEU A 222 -20.95 5.66 -9.26
CA LEU A 222 -19.82 5.64 -8.34
C LEU A 222 -20.17 4.93 -7.04
N PRO A 223 -19.23 4.13 -6.51
CA PRO A 223 -19.48 3.38 -5.28
C PRO A 223 -19.75 4.29 -4.09
N LYS A 224 -20.71 3.92 -3.26
CA LYS A 224 -20.92 4.69 -2.05
C LYS A 224 -19.71 4.54 -1.14
N ILE A 225 -19.05 5.65 -0.86
CA ILE A 225 -17.97 5.63 0.11
C ILE A 225 -18.54 5.26 1.47
N VAL A 226 -18.04 4.16 2.03
CA VAL A 226 -18.51 3.63 3.30
C VAL A 226 -17.29 3.54 4.22
N PRO A 227 -17.44 3.22 5.50
CA PRO A 227 -16.24 3.05 6.34
C PRO A 227 -15.45 1.82 5.93
N SER A 228 -14.21 1.76 6.44
CA SER A 228 -13.35 0.58 6.29
C SER A 228 -13.77 -0.57 7.17
N SER A 229 -14.62 -0.32 8.16
CA SER A 229 -15.08 -1.36 9.08
C SER A 229 -16.53 -1.08 9.39
N ASP A 230 -17.43 -1.88 8.81
CA ASP A 230 -18.87 -1.65 8.90
C ASP A 230 -19.55 -3.02 8.96
N PRO A 231 -20.47 -3.23 9.90
CA PRO A 231 -21.03 -4.57 10.07
C PRO A 231 -22.01 -4.97 8.97
N GLU A 232 -22.46 -4.06 8.11
CA GLU A 232 -23.38 -4.49 7.06
C GLU A 232 -23.31 -3.70 5.75
N ALA A 233 -22.50 -2.65 5.63
CA ALA A 233 -22.39 -1.96 4.35
C ALA A 233 -21.71 -2.78 3.24
N PHE A 234 -21.07 -3.91 3.57
CA PHE A 234 -20.43 -4.73 2.54
C PHE A 234 -21.21 -5.99 2.21
N GLY A 235 -22.39 -6.19 2.82
CA GLY A 235 -23.16 -7.40 2.54
C GLY A 235 -22.45 -8.67 2.95
N LYS A 236 -22.70 -9.73 2.16
CA LYS A 236 -22.20 -11.06 2.47
C LYS A 236 -21.73 -11.73 1.18
N VAL A 237 -20.89 -12.75 1.35
CA VAL A 237 -20.55 -13.62 0.21
C VAL A 237 -21.80 -14.32 -0.28
N ALA A 238 -22.06 -14.24 -1.58
CA ALA A 238 -23.24 -14.90 -2.15
C ALA A 238 -22.99 -16.40 -2.35
N THR A 239 -21.98 -16.76 -3.13
CA THR A 239 -21.76 -18.12 -3.59
C THR A 239 -20.51 -18.71 -2.95
N GLY A 240 -20.26 -19.99 -3.24
CA GLY A 240 -19.04 -20.66 -2.83
C GLY A 240 -19.07 -21.27 -1.43
N ALA A 241 -17.86 -21.63 -1.00
CA ALA A 241 -17.66 -22.24 0.31
C ALA A 241 -18.03 -21.30 1.46
N LEU A 242 -17.94 -19.99 1.25
CA LEU A 242 -18.24 -19.01 2.28
C LEU A 242 -19.60 -18.36 2.12
N ALA A 243 -20.54 -19.03 1.43
CA ALA A 243 -21.85 -18.44 1.20
C ALA A 243 -22.51 -18.07 2.53
N GLY A 244 -22.97 -16.82 2.61
CA GLY A 244 -23.63 -16.34 3.81
C GLY A 244 -22.71 -15.72 4.82
N VAL A 245 -21.40 -15.78 4.63
CA VAL A 245 -20.48 -15.19 5.60
C VAL A 245 -20.33 -13.69 5.30
N PRO A 246 -20.60 -12.82 6.27
CA PRO A 246 -20.61 -11.39 5.95
C PRO A 246 -19.21 -10.87 5.71
N ILE A 247 -19.13 -9.89 4.81
CA ILE A 247 -17.93 -9.11 4.58
C ILE A 247 -18.07 -7.88 5.45
N ALA A 248 -17.12 -7.68 6.39
CA ALA A 248 -17.22 -6.58 7.34
C ALA A 248 -15.99 -5.70 7.42
N GLY A 249 -14.99 -5.92 6.58
CA GLY A 249 -13.84 -5.04 6.55
C GLY A 249 -13.35 -4.83 5.14
N CYS A 250 -12.85 -3.63 4.87
CA CYS A 250 -12.25 -3.35 3.57
C CYS A 250 -11.22 -2.23 3.70
N LEU A 251 -9.99 -2.49 3.23
CA LEU A 251 -8.84 -1.58 3.34
C LEU A 251 -7.96 -1.65 2.10
N GLY A 252 -7.50 -0.49 1.62
CA GLY A 252 -6.38 -0.49 0.69
C GLY A 252 -5.17 -1.15 1.32
N ASP A 253 -4.32 -1.76 0.48
CA ASP A 253 -3.33 -2.73 0.99
C ASP A 253 -2.32 -2.07 1.93
N GLN A 254 -1.70 -0.95 1.52
CA GLN A 254 -0.71 -0.31 2.40
C GLN A 254 -1.34 0.14 3.73
N SER A 255 -2.58 0.64 3.71
CA SER A 255 -3.21 0.95 5.00
C SER A 255 -3.45 -0.32 5.80
N SER A 256 -3.78 -1.41 5.13
CA SER A 256 -4.01 -2.64 5.85
C SER A 256 -2.73 -3.18 6.48
N ALA A 257 -1.58 -3.02 5.81
CA ALA A 257 -0.31 -3.29 6.46
C ALA A 257 -0.21 -2.52 7.79
N LEU A 258 -0.46 -1.21 7.77
CA LEU A 258 -0.31 -0.44 9.01
C LEU A 258 -1.31 -0.91 10.07
N VAL A 259 -2.54 -1.22 9.67
CA VAL A 259 -3.50 -1.71 10.66
C VAL A 259 -3.02 -3.02 11.24
N GLY A 260 -2.52 -3.92 10.40
CA GLY A 260 -2.05 -5.22 10.85
C GLY A 260 -0.82 -5.18 11.74
N GLN A 261 -0.04 -4.10 11.68
CA GLN A 261 1.05 -3.85 12.61
C GLN A 261 0.61 -3.09 13.86
N CYS A 262 -0.66 -2.69 13.95
CA CYS A 262 -1.22 -2.10 15.16
C CYS A 262 -0.67 -0.70 15.40
N GLY A 263 -0.44 0.04 14.31
CA GLY A 263 0.00 1.41 14.39
C GLY A 263 -1.21 2.31 14.41
N PHE A 264 -1.91 2.31 15.55
CA PHE A 264 -3.13 3.09 15.68
C PHE A 264 -2.90 4.48 16.26
N SER A 265 -1.71 4.77 16.80
CA SER A 265 -1.44 6.08 17.38
C SER A 265 -0.60 6.94 16.45
N PRO A 266 -0.71 8.26 16.55
CA PRO A 266 0.18 9.14 15.76
C PRO A 266 1.62 8.98 16.18
N GLY A 267 2.52 8.98 15.18
CA GLY A 267 3.92 8.69 15.38
C GLY A 267 4.28 7.23 15.13
N GLN A 268 3.34 6.32 15.27
CA GLN A 268 3.57 4.97 14.81
C GLN A 268 3.55 4.95 13.29
N ALA A 269 4.54 4.28 12.70
CA ALA A 269 4.67 4.18 11.25
C ALA A 269 5.03 2.76 10.88
N LYS A 270 4.72 2.39 9.64
CA LYS A 270 5.17 1.12 9.10
C LYS A 270 5.95 1.32 7.82
N ASN A 271 6.89 0.41 7.57
CA ASN A 271 7.58 0.31 6.29
C ASN A 271 7.43 -1.11 5.74
N THR A 272 7.05 -1.19 4.46
CA THR A 272 6.92 -2.45 3.73
C THR A 272 7.99 -2.48 2.64
N TYR A 273 8.89 -3.47 2.70
CA TYR A 273 10.02 -3.53 1.80
C TYR A 273 9.75 -4.48 0.64
N GLY A 274 10.06 -4.05 -0.57
CA GLY A 274 10.14 -4.95 -1.71
C GLY A 274 11.31 -4.50 -2.57
N THR A 275 11.11 -4.39 -3.88
CA THR A 275 12.10 -3.68 -4.69
C THR A 275 12.39 -2.30 -4.11
N GLY A 276 11.34 -1.59 -3.67
CA GLY A 276 11.44 -0.35 -2.92
C GLY A 276 10.71 -0.44 -1.59
N CYS A 277 10.17 0.70 -1.11
CA CYS A 277 9.43 0.79 0.15
C CYS A 277 8.17 1.62 0.04
N PHE A 278 7.15 1.19 0.79
CA PHE A 278 5.93 1.93 1.01
C PHE A 278 5.95 2.30 2.47
N LEU A 279 6.07 3.59 2.76
CA LEU A 279 6.03 4.11 4.11
C LEU A 279 4.64 4.66 4.38
N LEU A 280 4.04 4.23 5.48
CA LEU A 280 2.81 4.84 5.96
C LEU A 280 2.97 5.36 7.39
N TYR A 281 2.43 6.56 7.64
CA TYR A 281 2.65 7.32 8.86
C TYR A 281 1.32 7.80 9.40
N ASN A 282 0.96 7.36 10.61
CA ASN A 282 -0.30 7.75 11.24
C ASN A 282 -0.21 9.19 11.74
N VAL A 283 -1.10 10.07 11.25
CA VAL A 283 -1.08 11.47 11.68
C VAL A 283 -2.36 11.85 12.42
N GLY A 284 -3.03 10.87 13.02
CA GLY A 284 -4.20 11.19 13.82
C GLY A 284 -5.43 11.60 13.01
N THR A 285 -6.33 12.33 13.68
CA THR A 285 -7.71 12.46 13.20
C THR A 285 -8.00 13.71 12.36
N GLU A 286 -7.03 14.60 12.12
CA GLU A 286 -7.24 15.59 11.07
C GLU A 286 -6.24 15.41 9.92
N PRO A 287 -6.70 15.52 8.67
CA PRO A 287 -5.78 15.43 7.53
C PRO A 287 -4.63 16.39 7.68
N VAL A 288 -3.52 16.03 7.03
CA VAL A 288 -2.30 16.82 6.98
C VAL A 288 -1.82 16.82 5.53
N ILE A 289 -1.88 17.98 4.87
CA ILE A 289 -1.20 18.15 3.59
C ILE A 289 0.30 18.30 3.85
N SER A 290 1.08 18.00 2.82
CA SER A 290 2.53 17.85 2.91
C SER A 290 3.25 18.94 2.15
N LYS A 291 4.19 19.60 2.83
CA LYS A 291 5.15 20.49 2.17
C LYS A 291 6.10 19.76 1.23
N TYR A 292 6.24 18.43 1.38
CA TYR A 292 7.41 17.70 0.89
C TYR A 292 7.10 16.71 -0.21
N GLY A 293 5.91 16.73 -0.79
CA GLY A 293 5.59 15.84 -1.87
C GLY A 293 4.97 14.52 -1.45
N LEU A 294 5.01 14.21 -0.15
CA LEU A 294 4.30 13.08 0.42
C LEU A 294 2.80 13.14 0.11
N LEU A 295 2.17 11.96 0.05
CA LEU A 295 0.73 11.88 -0.17
C LEU A 295 -0.01 11.89 1.15
N ALA A 296 -1.08 12.67 1.19
CA ALA A 296 -2.00 12.66 2.31
C ALA A 296 -3.10 11.68 2.00
N THR A 297 -3.49 10.89 3.00
CA THR A 297 -4.47 9.85 2.73
C THR A 297 -5.11 9.38 4.03
N VAL A 298 -6.16 8.58 3.89
CA VAL A 298 -6.87 8.00 5.03
C VAL A 298 -6.15 6.75 5.48
N ALA A 299 -5.81 6.69 6.78
CA ALA A 299 -5.18 5.48 7.32
C ALA A 299 -6.20 4.37 7.48
N TYR A 300 -7.31 4.65 8.18
CA TYR A 300 -8.39 3.69 8.34
C TYR A 300 -9.62 4.45 8.84
N ASP A 301 -10.79 3.94 8.48
CA ASP A 301 -12.08 4.52 8.89
C ASP A 301 -12.89 3.40 9.51
N PHE A 302 -12.85 3.30 10.84
CA PHE A 302 -13.50 2.19 11.52
C PHE A 302 -14.92 2.52 11.97
N GLY A 303 -15.44 3.71 11.61
CA GLY A 303 -16.81 4.08 11.89
C GLY A 303 -17.20 3.88 13.34
N ARG A 304 -18.44 3.44 13.55
CA ARG A 304 -18.99 3.16 14.87
CA ARG A 304 -18.94 3.14 14.89
C ARG A 304 -18.73 4.32 15.83
N GLY A 305 -19.15 5.51 15.41
CA GLY A 305 -19.00 6.72 16.17
C GLY A 305 -17.61 7.31 16.20
N ARG A 306 -16.59 6.57 15.74
CA ARG A 306 -15.22 7.04 15.82
C ARG A 306 -14.80 7.78 14.56
N LYS A 307 -13.95 8.84 14.74
CA LYS A 307 -13.47 9.63 13.62
C LYS A 307 -12.44 8.90 12.78
N PRO A 308 -12.41 9.21 11.48
CA PRO A 308 -11.41 8.64 10.56
C PRO A 308 -10.00 9.17 10.85
N VAL A 309 -9.04 8.25 10.82
CA VAL A 309 -7.64 8.54 11.10
C VAL A 309 -6.88 8.64 9.79
N TYR A 310 -6.16 9.75 9.60
CA TYR A 310 -5.48 10.01 8.35
C TYR A 310 -4.01 9.56 8.40
N ALA A 311 -3.31 9.70 7.28
CA ALA A 311 -1.90 9.30 7.22
C ALA A 311 -1.18 10.08 6.13
N LEU A 312 0.15 10.09 6.25
CA LEU A 312 1.03 10.52 5.18
C LEU A 312 1.77 9.31 4.61
N GLU A 313 2.13 9.41 3.34
CA GLU A 313 2.74 8.28 2.65
C GLU A 313 3.89 8.75 1.79
N GLY A 314 5.00 7.99 1.85
CA GLY A 314 6.11 8.18 0.94
C GLY A 314 6.60 6.84 0.43
N SER A 315 7.30 6.89 -0.70
CA SER A 315 7.78 5.68 -1.34
C SER A 315 9.26 5.83 -1.66
N ILE A 316 9.97 4.70 -1.71
CA ILE A 316 11.37 4.68 -2.09
C ILE A 316 11.48 3.76 -3.29
N ALA A 317 12.31 4.13 -4.26
CA ALA A 317 12.44 3.31 -5.46
C ALA A 317 13.39 2.15 -5.22
N VAL A 318 14.54 2.42 -4.61
CA VAL A 318 15.62 1.46 -4.55
C VAL A 318 15.80 1.03 -3.09
N ALA A 319 15.18 -0.10 -2.74
CA ALA A 319 15.45 -0.86 -1.53
C ALA A 319 16.03 -2.21 -1.90
N GLY A 320 15.13 -3.21 -2.08
CA GLY A 320 15.57 -4.52 -2.55
C GLY A 320 16.38 -4.46 -3.84
N ALA A 321 16.06 -3.50 -4.72
CA ALA A 321 16.80 -3.34 -5.97
C ALA A 321 18.27 -3.03 -5.76
N GLY A 322 18.62 -2.32 -4.66
CA GLY A 322 20.04 -2.12 -4.34
C GLY A 322 20.76 -3.44 -4.07
N ILE A 323 20.12 -4.34 -3.31
CA ILE A 323 20.64 -5.69 -3.14
C ILE A 323 20.79 -6.36 -4.50
N THR A 324 19.69 -6.42 -5.25
CA THR A 324 19.70 -7.04 -6.57
C THR A 324 20.80 -6.45 -7.46
N PHE A 325 21.05 -5.14 -7.33
CA PHE A 325 22.08 -4.53 -8.13
C PHE A 325 23.45 -5.11 -7.77
N LEU A 326 23.73 -5.27 -6.47
CA LEU A 326 25.00 -5.85 -6.05
C LEU A 326 25.15 -7.28 -6.54
N MET A 327 24.05 -8.05 -6.52
CA MET A 327 24.12 -9.44 -6.98
C MET A 327 24.28 -9.52 -8.49
N ASN A 328 23.30 -9.01 -9.25
CA ASN A 328 23.30 -9.19 -10.70
C ASN A 328 24.39 -8.36 -11.36
N ASN A 329 24.56 -7.11 -10.95
CA ASN A 329 25.39 -6.20 -11.71
C ASN A 329 26.85 -6.20 -11.27
N LEU A 330 27.13 -6.51 -10.00
CA LEU A 330 28.50 -6.62 -9.53
C LEU A 330 28.95 -8.04 -9.20
N GLY A 331 28.03 -9.00 -9.10
CA GLY A 331 28.46 -10.34 -8.76
C GLY A 331 29.10 -10.42 -7.40
N PHE A 332 28.66 -9.59 -6.46
CA PHE A 332 29.20 -9.71 -5.12
C PHE A 332 28.86 -11.06 -4.51
N ALA A 333 27.63 -11.53 -4.70
CA ALA A 333 27.11 -12.71 -4.02
C ALA A 333 25.94 -13.24 -4.83
N PRO A 334 25.58 -14.50 -4.65
CA PRO A 334 24.52 -15.07 -5.50
C PRO A 334 23.12 -14.78 -4.96
N LYS A 335 22.97 -14.75 -3.64
CA LYS A 335 21.66 -14.67 -3.01
C LYS A 335 21.63 -13.48 -2.06
N PRO A 336 20.43 -12.94 -1.76
CA PRO A 336 20.34 -11.86 -0.76
C PRO A 336 20.96 -12.22 0.58
N SER A 337 20.71 -13.43 1.05
CA SER A 337 21.29 -13.91 2.30
C SER A 337 22.77 -13.61 2.40
N GLU A 338 23.50 -13.67 1.29
CA GLU A 338 24.93 -13.55 1.46
C GLU A 338 25.48 -12.18 1.03
N ILE A 339 24.70 -11.37 0.30
CA ILE A 339 24.96 -9.94 0.31
C ILE A 339 24.88 -9.43 1.75
N ASN A 340 23.88 -9.90 2.50
CA ASN A 340 23.76 -9.49 3.88
C ASN A 340 24.93 -10.01 4.71
N ALA A 341 25.50 -11.16 4.34
CA ALA A 341 26.67 -11.66 5.03
C ALA A 341 27.89 -10.81 4.71
N LEU A 342 28.03 -10.45 3.43
CA LEU A 342 29.06 -9.49 3.07
C LEU A 342 29.00 -8.26 3.97
N ALA A 343 27.81 -7.67 4.12
CA ALA A 343 27.74 -6.40 4.84
C ALA A 343 28.16 -6.56 6.28
N GLU A 344 27.98 -7.76 6.86
CA GLU A 344 28.35 -7.97 8.23
C GLU A 344 29.80 -8.40 8.39
N SER A 345 30.48 -8.79 7.30
CA SER A 345 31.89 -9.12 7.36
C SER A 345 32.79 -7.90 7.66
N VAL A 346 32.23 -6.73 7.95
CA VAL A 346 33.01 -5.53 8.24
C VAL A 346 32.40 -4.85 9.47
N LEU A 347 33.21 -4.05 10.16
CA LEU A 347 32.72 -3.40 11.37
C LEU A 347 31.79 -2.21 11.06
N ASP A 348 32.13 -1.41 10.05
CA ASP A 348 31.25 -0.31 9.67
C ASP A 348 31.33 -0.15 8.16
N ASN A 349 30.84 0.98 7.65
CA ASN A 349 30.83 1.20 6.22
C ASN A 349 32.16 1.71 5.66
N GLY A 350 33.22 1.75 6.48
CA GLY A 350 34.51 2.18 5.97
C GLY A 350 34.49 3.55 5.34
N GLY A 351 33.53 4.40 5.72
CA GLY A 351 33.36 5.70 5.12
C GLY A 351 32.66 5.72 3.77
N VAL A 352 32.13 4.60 3.31
CA VAL A 352 31.48 4.58 2.02
C VAL A 352 30.05 5.06 2.18
N VAL A 353 29.55 5.81 1.18
CA VAL A 353 28.16 6.20 1.08
C VAL A 353 27.72 5.97 -0.36
N PHE A 354 26.54 5.38 -0.51
CA PHE A 354 26.06 4.95 -1.81
C PHE A 354 24.72 5.63 -2.01
N VAL A 355 24.69 6.73 -2.74
CA VAL A 355 23.43 7.36 -3.10
C VAL A 355 22.86 6.56 -4.26
N THR A 356 21.83 5.77 -3.98
CA THR A 356 21.31 4.80 -4.94
C THR A 356 20.20 5.41 -5.79
N ALA A 357 20.51 6.54 -6.39
CA ALA A 357 19.50 7.27 -7.17
C ALA A 357 19.54 6.83 -8.62
N PHE A 358 19.29 5.54 -8.82
CA PHE A 358 19.39 4.95 -10.15
C PHE A 358 18.47 5.68 -11.11
N SER A 359 17.28 6.00 -10.66
CA SER A 359 16.30 6.78 -11.40
C SER A 359 16.04 8.09 -10.67
N GLY A 360 17.11 8.70 -10.15
CA GLY A 360 16.98 9.89 -9.33
C GLY A 360 16.43 9.55 -7.96
N LEU A 361 16.19 10.60 -7.17
CA LEU A 361 15.59 10.49 -5.85
C LEU A 361 14.22 11.12 -5.80
N PHE A 362 13.36 10.54 -4.97
CA PHE A 362 12.00 11.03 -4.80
C PHE A 362 11.83 11.61 -3.40
N ALA A 363 10.74 11.26 -2.73
CA ALA A 363 10.42 11.91 -1.47
C ALA A 363 11.57 11.77 -0.48
N PRO A 364 11.97 12.84 0.22
CA PRO A 364 11.57 14.24 0.05
C PRO A 364 12.58 15.09 -0.73
N TYR A 365 13.54 14.45 -1.38
CA TYR A 365 14.60 15.23 -2.03
C TYR A 365 14.17 15.69 -3.42
N TRP A 366 13.49 14.84 -4.17
CA TRP A 366 12.99 15.18 -5.51
C TRP A 366 14.11 15.68 -6.43
N ILE A 367 15.16 14.85 -6.54
CA ILE A 367 16.30 15.10 -7.42
C ILE A 367 16.19 14.17 -8.63
N ASP A 368 16.02 14.75 -9.81
CA ASP A 368 15.89 13.97 -11.04
C ASP A 368 17.15 13.96 -11.90
N ASP A 369 18.20 14.67 -11.48
CA ASP A 369 19.41 14.72 -12.28
C ASP A 369 20.59 14.06 -11.58
N ALA A 370 20.31 13.23 -10.59
CA ALA A 370 21.34 12.37 -10.06
C ALA A 370 21.16 10.98 -10.65
N LYS A 371 22.28 10.30 -10.81
CA LYS A 371 22.32 8.85 -10.93
C LYS A 371 22.92 8.27 -9.64
N GLY A 372 23.00 6.95 -9.58
CA GLY A 372 23.63 6.32 -8.44
C GLY A 372 25.07 6.79 -8.31
N THR A 373 25.51 6.95 -7.07
CA THR A 373 26.75 7.66 -6.84
C THR A 373 27.38 7.07 -5.60
N LEU A 374 28.67 6.75 -5.69
CA LEU A 374 29.35 6.02 -4.63
C LEU A 374 30.53 6.86 -4.17
N PHE A 375 30.54 7.22 -2.89
CA PHE A 375 31.57 8.08 -2.35
C PHE A 375 32.37 7.33 -1.32
N GLY A 376 33.56 7.84 -1.05
CA GLY A 376 34.36 7.34 0.07
C GLY A 376 35.27 6.20 -0.25
N ILE A 377 35.62 6.02 -1.53
CA ILE A 377 36.31 4.81 -1.97
C ILE A 377 37.80 5.03 -1.80
N THR A 378 38.47 4.06 -1.18
CA THR A 378 39.92 4.05 -1.08
C THR A 378 40.41 2.65 -1.40
N GLN A 379 41.74 2.50 -1.48
CA GLN A 379 42.33 1.18 -1.62
C GLN A 379 41.91 0.23 -0.50
N HIS A 380 41.51 0.76 0.65
CA HIS A 380 41.02 -0.07 1.76
C HIS A 380 39.51 -0.33 1.72
N THR A 381 38.77 0.21 0.75
CA THR A 381 37.34 -0.11 0.62
C THR A 381 37.16 -1.54 0.13
N THR A 382 36.35 -2.34 0.83
CA THR A 382 36.09 -3.73 0.45
C THR A 382 34.64 -3.94 0.03
N LYS A 383 34.38 -5.13 -0.53
CA LYS A 383 33.01 -5.52 -0.87
C LYS A 383 32.08 -5.31 0.32
N GLY A 384 32.55 -5.63 1.53
CA GLY A 384 31.71 -5.50 2.71
C GLY A 384 31.25 -4.08 2.94
N HIS A 385 32.16 -3.11 2.77
CA HIS A 385 31.79 -1.70 3.00
C HIS A 385 30.67 -1.27 2.06
N ILE A 386 30.81 -1.58 0.77
CA ILE A 386 29.81 -1.22 -0.21
C ILE A 386 28.47 -1.88 0.11
N ALA A 387 28.53 -3.17 0.41
CA ALA A 387 27.34 -3.93 0.80
C ALA A 387 26.67 -3.32 2.02
N ARG A 388 27.46 -2.90 3.01
CA ARG A 388 26.87 -2.22 4.15
C ARG A 388 26.29 -0.88 3.73
N ALA A 389 27.04 -0.12 2.90
CA ALA A 389 26.56 1.17 2.39
C ALA A 389 25.25 1.03 1.64
N THR A 390 25.06 -0.08 0.92
CA THR A 390 23.88 -0.23 0.10
C THR A 390 22.65 -0.46 0.97
N LEU A 391 22.80 -1.32 1.99
CA LEU A 391 21.80 -1.44 3.04
C LEU A 391 21.53 -0.10 3.71
N GLU A 392 22.59 0.58 4.15
CA GLU A 392 22.42 1.83 4.90
C GLU A 392 21.64 2.87 4.09
N ALA A 393 21.84 2.89 2.77
CA ALA A 393 21.15 3.86 1.92
C ALA A 393 19.63 3.76 2.03
N THR A 394 19.07 2.54 2.11
CA THR A 394 17.62 2.50 2.29
C THR A 394 17.23 2.96 3.69
N CYS A 395 18.09 2.73 4.69
CA CYS A 395 17.84 3.26 6.03
C CYS A 395 17.85 4.79 6.03
N TYR A 396 18.85 5.40 5.36
CA TYR A 396 18.91 6.84 5.29
C TYR A 396 17.69 7.41 4.58
N GLN A 397 17.22 6.73 3.53
CA GLN A 397 16.08 7.26 2.81
C GLN A 397 14.81 7.10 3.62
N THR A 398 14.69 5.98 4.31
CA THR A 398 13.58 5.78 5.25
C THR A 398 13.58 6.88 6.30
N ARG A 399 14.74 7.15 6.89
CA ARG A 399 14.82 8.20 7.89
C ARG A 399 14.48 9.57 7.30
N ALA A 400 14.95 9.85 6.07
CA ALA A 400 14.62 11.12 5.44
C ALA A 400 13.11 11.24 5.24
N ILE A 401 12.45 10.17 4.85
CA ILE A 401 11.00 10.26 4.70
C ILE A 401 10.33 10.39 6.07
N LEU A 402 10.78 9.63 7.06
CA LEU A 402 10.16 9.74 8.38
C LEU A 402 10.34 11.13 8.97
N ASP A 403 11.53 11.71 8.82
CA ASP A 403 11.76 13.07 9.31
C ASP A 403 10.83 14.06 8.62
N ALA A 404 10.73 13.98 7.29
CA ALA A 404 9.77 14.81 6.58
C ALA A 404 8.34 14.60 7.07
N MET A 405 7.99 13.36 7.45
CA MET A 405 6.65 13.08 7.97
C MET A 405 6.43 13.74 9.33
N GLU A 406 7.48 13.81 10.14
CA GLU A 406 7.38 14.54 11.41
C GLU A 406 7.09 16.02 11.17
N LYS A 407 7.89 16.69 10.33
CA LYS A 407 7.72 18.12 10.07
C LYS A 407 6.38 18.45 9.43
N ASP A 408 5.74 17.48 8.75
CA ASP A 408 4.42 17.69 8.18
C ASP A 408 3.31 17.51 9.21
N SER A 409 3.54 16.68 10.22
CA SER A 409 2.46 16.25 11.11
C SER A 409 2.50 16.92 12.47
N GLY A 410 3.69 17.25 12.97
CA GLY A 410 3.80 17.74 14.32
C GLY A 410 3.70 16.66 15.38
N HIS A 411 3.66 15.40 14.98
CA HIS A 411 3.70 14.29 15.90
C HIS A 411 5.07 13.64 15.84
N LYS A 412 5.68 13.49 17.01
CA LYS A 412 6.94 12.76 17.16
C LYS A 412 6.79 11.33 16.63
N LEU A 413 7.82 10.84 15.94
CA LEU A 413 7.88 9.45 15.56
C LEU A 413 8.06 8.57 16.80
N GLU A 414 7.24 7.53 16.91
CA GLU A 414 7.15 6.69 18.11
C GLU A 414 7.62 5.27 17.89
N SER A 415 7.45 4.74 16.67
CA SER A 415 7.82 3.36 16.41
C SER A 415 7.75 3.12 14.90
N LEU A 416 8.52 2.16 14.45
CA LEU A 416 8.51 1.80 13.04
C LEU A 416 8.34 0.30 12.99
N ALA A 417 7.21 -0.14 12.44
CA ALA A 417 7.00 -1.55 12.12
C ALA A 417 7.47 -1.83 10.69
N VAL A 418 7.96 -3.04 10.46
CA VAL A 418 8.53 -3.41 9.16
C VAL A 418 8.04 -4.79 8.78
N ASP A 419 7.98 -5.03 7.48
CA ASP A 419 7.62 -6.34 6.95
C ASP A 419 8.12 -6.44 5.51
N GLY A 420 8.33 -7.64 5.08
CA GLY A 420 8.68 -7.89 3.68
C GLY A 420 10.15 -7.69 3.41
N GLY A 421 10.62 -8.37 2.36
CA GLY A 421 11.92 -8.12 1.77
C GLY A 421 13.06 -7.83 2.74
N LEU A 422 13.73 -6.72 2.48
CA LEU A 422 14.92 -6.31 3.23
C LEU A 422 14.73 -6.35 4.73
N SER A 423 13.50 -6.16 5.24
CA SER A 423 13.29 -6.19 6.68
C SER A 423 13.79 -7.50 7.32
N ALA A 424 13.94 -8.56 6.53
CA ALA A 424 14.51 -9.82 7.02
C ALA A 424 15.99 -9.70 7.41
N SER A 425 16.66 -8.59 7.11
CA SER A 425 18.10 -8.57 7.36
C SER A 425 18.32 -7.94 8.72
N ASP A 426 18.92 -8.72 9.64
CA ASP A 426 19.11 -8.28 11.01
C ASP A 426 19.90 -6.98 11.05
N LEU A 427 20.92 -6.88 10.22
CA LEU A 427 21.78 -5.71 10.25
C LEU A 427 21.00 -4.48 9.81
N CYS A 428 20.18 -4.63 8.77
CA CYS A 428 19.53 -3.48 8.18
C CYS A 428 18.50 -2.89 9.13
N MET A 429 17.76 -3.75 9.84
CA MET A 429 16.81 -3.26 10.84
C MET A 429 17.51 -2.68 12.05
N GLN A 430 18.59 -3.33 12.51
CA GLN A 430 19.40 -2.74 13.56
C GLN A 430 19.92 -1.37 13.16
N THR A 431 20.32 -1.23 11.88
CA THR A 431 20.80 0.06 11.39
C THR A 431 19.68 1.09 11.31
N GLN A 432 18.45 0.65 11.02
CA GLN A 432 17.35 1.58 11.07
C GLN A 432 17.14 2.10 12.49
N ALA A 433 17.24 1.23 13.49
CA ALA A 433 17.06 1.66 14.87
C ALA A 433 18.14 2.66 15.28
N ASP A 434 19.40 2.37 14.92
CA ASP A 434 20.47 3.30 15.28
C ASP A 434 20.26 4.64 14.61
N ILE A 435 19.97 4.62 13.31
CA ILE A 435 19.87 5.87 12.56
C ILE A 435 18.67 6.69 13.01
N SER A 436 17.53 6.04 13.23
CA SER A 436 16.32 6.79 13.52
C SER A 436 16.12 7.02 15.00
N GLY A 437 16.76 6.23 15.85
CA GLY A 437 16.66 6.45 17.28
C GLY A 437 15.31 6.08 17.86
N ILE A 438 14.65 5.06 17.32
CA ILE A 438 13.40 4.55 17.89
C ILE A 438 13.44 3.04 17.73
N PRO A 439 12.54 2.28 18.36
CA PRO A 439 12.56 0.84 18.17
C PRO A 439 11.89 0.44 16.87
N VAL A 440 12.45 -0.59 16.24
CA VAL A 440 11.99 -1.09 14.96
C VAL A 440 11.39 -2.47 15.21
N ASP A 441 10.13 -2.65 14.81
CA ASP A 441 9.35 -3.83 15.17
C ASP A 441 9.16 -4.73 13.95
N ARG A 442 9.65 -5.97 14.04
CA ARG A 442 9.53 -6.93 12.95
C ARG A 442 8.78 -8.16 13.42
N PRO A 443 7.50 -8.29 13.07
CA PRO A 443 6.73 -9.46 13.52
C PRO A 443 7.29 -10.72 12.88
N ARG A 444 7.01 -11.85 13.51
CA ARG A 444 7.37 -13.11 12.88
C ARG A 444 6.21 -13.70 12.07
N MET A 445 4.97 -13.41 12.42
CA MET A 445 3.82 -13.81 11.61
C MET A 445 3.85 -13.06 10.29
N ARG A 446 3.97 -13.79 9.19
CA ARG A 446 4.42 -13.26 7.91
C ARG A 446 3.34 -12.48 7.15
N GLU A 447 2.06 -12.60 7.50
CA GLU A 447 1.03 -12.03 6.62
C GLU A 447 0.30 -10.85 7.26
N THR A 448 1.04 -9.79 7.58
CA THR A 448 0.47 -8.64 8.27
C THR A 448 -0.47 -7.84 7.37
N THR A 449 -0.23 -7.82 6.07
CA THR A 449 -1.16 -7.11 5.19
C THR A 449 -2.53 -7.76 5.20
N ALA A 450 -2.59 -9.09 5.04
CA ALA A 450 -3.89 -9.75 5.19
C ALA A 450 -4.45 -9.58 6.58
N LEU A 451 -3.58 -9.48 7.60
CA LEU A 451 -4.05 -9.37 8.97
C LEU A 451 -4.87 -8.09 9.17
N GLY A 452 -4.51 -7.03 8.46
CA GLY A 452 -5.22 -5.77 8.65
C GLY A 452 -6.69 -5.88 8.29
N ALA A 453 -6.99 -6.53 7.16
CA ALA A 453 -8.38 -6.65 6.72
C ALA A 453 -9.16 -7.52 7.69
N ALA A 454 -8.52 -8.56 8.22
CA ALA A 454 -9.14 -9.38 9.25
C ALA A 454 -9.46 -8.55 10.48
N ILE A 455 -8.57 -7.62 10.84
CA ILE A 455 -8.81 -6.81 12.03
C ILE A 455 -10.02 -5.93 11.83
N ALA A 456 -10.10 -5.25 10.68
CA ALA A 456 -11.26 -4.42 10.40
C ALA A 456 -12.55 -5.25 10.44
N ALA A 457 -12.51 -6.48 9.89
CA ALA A 457 -13.72 -7.28 9.90
C ALA A 457 -14.03 -7.79 11.30
N GLY A 458 -13.01 -8.15 12.07
CA GLY A 458 -13.23 -8.61 13.43
C GLY A 458 -13.87 -7.56 14.33
N LEU A 459 -13.54 -6.28 14.09
CA LEU A 459 -14.09 -5.19 14.89
C LEU A 459 -15.55 -4.92 14.55
N ALA A 460 -15.91 -4.96 13.26
CA ALA A 460 -17.30 -4.76 12.89
C ALA A 460 -18.21 -5.84 13.43
N THR A 461 -17.66 -7.00 13.81
CA THR A 461 -18.45 -8.14 14.22
C THR A 461 -18.10 -8.63 15.62
N GLY A 462 -17.26 -7.91 16.36
CA GLY A 462 -17.11 -8.21 17.77
C GLY A 462 -16.13 -9.29 18.12
N VAL A 463 -15.36 -9.81 17.15
CA VAL A 463 -14.24 -10.67 17.47
C VAL A 463 -13.27 -9.95 18.41
N TRP A 464 -13.07 -8.66 18.16
CA TRP A 464 -12.44 -7.73 19.08
C TRP A 464 -13.38 -6.54 19.19
N ARG A 465 -13.38 -5.84 20.33
CA ARG A 465 -14.32 -4.73 20.48
C ARG A 465 -13.67 -3.37 20.65
N GLU A 466 -12.50 -3.28 21.28
CA GLU A 466 -11.67 -2.09 21.27
C GLU A 466 -10.43 -2.36 20.43
N LEU A 467 -9.66 -1.31 20.13
CA LEU A 467 -8.40 -1.52 19.41
C LEU A 467 -7.22 -1.70 20.35
N ASP A 468 -7.33 -1.22 21.59
CA ASP A 468 -6.44 -1.67 22.63
C ASP A 468 -6.52 -3.19 22.77
N HIS A 469 -7.70 -3.76 22.52
CA HIS A 469 -7.87 -5.22 22.51
C HIS A 469 -6.96 -5.88 21.47
N VAL A 470 -6.79 -5.23 20.32
CA VAL A 470 -6.28 -5.93 19.15
C VAL A 470 -4.79 -6.19 19.28
N LYS A 471 -4.01 -5.16 19.59
CA LYS A 471 -2.57 -5.35 19.73
C LYS A 471 -2.24 -6.35 20.83
N GLU A 472 -3.01 -6.34 21.92
CA GLU A 472 -2.81 -7.31 22.98
C GLU A 472 -3.19 -8.72 22.56
N SER A 473 -4.20 -8.89 21.69
CA SER A 473 -4.64 -10.23 21.29
C SER A 473 -3.65 -10.86 20.31
N ILE A 474 -3.14 -10.09 19.36
CA ILE A 474 -2.26 -10.63 18.34
C ILE A 474 -0.90 -10.99 18.93
N ALA A 475 -0.50 -10.30 20.00
CA ALA A 475 0.82 -10.53 20.58
C ALA A 475 0.95 -11.94 21.15
N GLY A 476 -0.15 -12.53 21.62
CA GLY A 476 -0.11 -13.90 22.11
C GLY A 476 -0.09 -14.87 20.94
N GLY A 477 0.86 -15.80 20.96
CA GLY A 477 1.00 -16.79 19.91
C GLY A 477 1.36 -16.20 18.56
N ARG A 487 15.39 -11.82 15.48
CA ARG A 487 14.49 -11.66 16.62
C ARG A 487 13.14 -11.03 16.19
N GLU A 488 12.73 -9.96 16.87
CA GLU A 488 11.43 -9.34 16.63
C GLU A 488 11.44 -7.83 16.86
N VAL A 489 12.19 -7.37 17.85
CA VAL A 489 12.34 -5.94 18.09
C VAL A 489 13.82 -5.61 18.17
N PHE A 490 14.20 -4.53 17.52
CA PHE A 490 15.58 -4.08 17.47
C PHE A 490 15.65 -2.72 18.16
N TYR A 491 16.69 -2.51 18.95
CA TYR A 491 16.76 -1.26 19.69
C TYR A 491 18.01 -0.48 19.31
N PRO A 492 17.94 0.86 19.32
CA PRO A 492 19.14 1.67 19.01
C PRO A 492 20.30 1.41 19.96
N LYS A 493 21.37 0.81 19.45
CA LYS A 493 22.59 0.55 20.21
C LYS A 493 23.68 1.58 19.97
N MET A 494 23.71 2.17 18.79
CA MET A 494 24.73 3.15 18.44
C MET A 494 24.50 4.47 19.16
N ASP A 495 25.57 5.09 19.65
CA ASP A 495 25.40 6.38 20.30
C ASP A 495 24.97 7.42 19.28
N ARG A 496 24.22 8.42 19.76
CA ARG A 496 23.57 9.37 18.86
C ARG A 496 24.58 10.25 18.13
N LYS A 497 25.71 10.56 18.77
CA LYS A 497 26.77 11.30 18.07
C LYS A 497 27.15 10.60 16.78
N LYS A 498 27.52 9.32 16.86
CA LYS A 498 27.95 8.62 15.67
C LYS A 498 26.78 8.29 14.76
N ALA A 499 25.58 8.15 15.31
CA ALA A 499 24.38 8.04 14.49
C ALA A 499 24.09 9.33 13.71
N GLU A 500 24.56 10.47 14.17
CA GLU A 500 24.27 11.66 13.36
C GLU A 500 25.39 12.08 12.44
N ARG A 501 26.62 11.61 12.65
CA ARG A 501 27.62 11.85 11.62
C ARG A 501 27.27 11.07 10.35
N LEU A 502 26.78 9.84 10.51
CA LEU A 502 26.40 9.05 9.35
C LEU A 502 25.31 9.74 8.56
N PHE A 503 24.26 10.19 9.25
CA PHE A 503 23.15 10.74 8.50
C PHE A 503 23.54 12.04 7.83
N ARG A 504 24.40 12.84 8.46
CA ARG A 504 24.88 14.05 7.81
C ARG A 504 25.83 13.71 6.66
N LYS A 505 26.63 12.63 6.83
CA LYS A 505 27.46 12.18 5.72
C LYS A 505 26.59 11.72 4.56
N TRP A 506 25.42 11.17 4.88
CA TRP A 506 24.49 10.82 3.81
C TRP A 506 23.95 12.08 3.13
N GLU A 507 23.68 13.12 3.90
CA GLU A 507 23.03 14.31 3.32
C GLU A 507 24.01 15.09 2.49
N GLN A 508 25.26 15.15 2.92
CA GLN A 508 26.31 15.70 2.07
C GLN A 508 26.30 14.97 0.74
N ALA A 509 26.32 13.63 0.79
CA ALA A 509 26.43 12.83 -0.43
C ALA A 509 25.26 13.08 -1.36
N VAL A 510 24.04 13.11 -0.80
CA VAL A 510 22.88 13.47 -1.60
C VAL A 510 23.11 14.81 -2.28
N GLU A 511 23.43 15.85 -1.47
CA GLU A 511 23.81 17.14 -2.01
C GLU A 511 24.80 16.99 -3.16
N MET A 512 25.85 16.20 -2.97
CA MET A 512 26.90 16.20 -3.96
C MET A 512 26.52 15.40 -5.20
N SER A 513 25.38 14.69 -5.20
CA SER A 513 24.91 13.97 -6.37
C SER A 513 23.99 14.80 -7.26
N ARG A 514 23.52 15.95 -6.78
CA ARG A 514 22.71 16.84 -7.60
C ARG A 514 23.41 17.23 -8.89
N GLY A 515 22.66 17.20 -9.99
CA GLY A 515 23.15 17.83 -11.21
C GLY A 515 24.16 17.00 -11.97
N TRP A 516 24.10 15.68 -11.86
CA TRP A 516 25.02 14.85 -12.60
C TRP A 516 24.70 14.84 -14.08
N VAL A 517 23.41 14.58 -14.44
CA VAL A 517 23.04 14.42 -15.84
C VAL A 517 22.75 15.77 -16.47
N ARG A 518 23.10 15.89 -17.75
CA ARG A 518 22.93 17.16 -18.46
C ARG A 518 22.23 16.98 -19.81
C1 GOL B . 0.27 0.69 -5.05
O1 GOL B . -0.44 1.84 -4.76
C2 GOL B . 0.06 -0.26 -3.82
O2 GOL B . -1.22 -0.17 -3.26
C3 GOL B . 0.31 -1.63 -4.39
O3 GOL B . 0.49 -2.47 -3.28
C1 EDO C . 5.27 10.15 -2.98
O1 EDO C . 6.38 9.59 -2.27
C2 EDO C . 4.65 9.09 -3.88
O2 EDO C . 4.69 7.83 -3.20
#